data_4HDA
#
_entry.id   4HDA
#
_cell.length_a   41.300
_cell.length_b   112.690
_cell.length_c   55.890
_cell.angle_alpha   90.00
_cell.angle_beta   90.05
_cell.angle_gamma   90.00
#
_symmetry.space_group_name_H-M   'P 1 21 1'
#
loop_
_entity.id
_entity.type
_entity.pdbx_description
1 polymer 'NAD-dependent protein deacylase sirtuin-5, mitochondrial'
2 polymer 'Fluor-de-Lys peptide'
3 non-polymer 'ZINC ION'
4 non-polymer RESVERATROL
5 water water
#
loop_
_entity_poly.entity_id
_entity_poly.type
_entity_poly.pdbx_seq_one_letter_code
_entity_poly.pdbx_strand_id
1 'polypeptide(L)'
;GIDPFTARPSSSMADFRKFFAKAKHIVIISGAGVSAESGVPTFRGAGGYWRKWQAQDLATPLAFAHNPSRVWEFYHYRRE
VMGSKEPNAGHRAIAECETRLGKQGRRVVVITQNIDELHRKAGTKNLLEIHGSLFKTRCTSCGVVAENYKSPICPALSGK
GAPEPGTQDASIPVEKLPRCEEAGCGGLLRPHVVWFGENLDPAILEEVDRELAHCDLCLVVGTSSVVYPAAMFAPQVAAR
GVPVAEFNTETTPATNRFRFHFQGPCGTTLPEALA
;
A,B
2 'polypeptide(L)' RHK(FDL) F
#
loop_
_chem_comp.id
_chem_comp.type
_chem_comp.name
_chem_comp.formula
STL non-polymer RESVERATROL 'C14 H12 O3'
ZN non-polymer 'ZINC ION' 'Zn 2'
#
# COMPACT_ATOMS: atom_id res chain seq x y z
N ARG A 8 9.47 -28.87 0.21
CA ARG A 8 10.74 -28.68 0.91
C ARG A 8 10.55 -28.19 2.35
N PRO A 9 9.83 -27.06 2.54
CA PRO A 9 9.66 -26.39 3.83
C PRO A 9 9.97 -27.28 5.03
N SER A 10 11.19 -27.23 5.55
CA SER A 10 11.55 -28.13 6.63
C SER A 10 10.62 -27.97 7.83
N SER A 11 10.35 -29.09 8.49
CA SER A 11 9.60 -29.09 9.74
C SER A 11 10.56 -29.23 10.93
N SER A 12 11.83 -28.87 10.74
CA SER A 12 12.85 -29.14 11.76
C SER A 12 13.05 -28.03 12.79
N MET A 13 12.42 -28.21 13.94
CA MET A 13 12.79 -27.44 15.12
C MET A 13 14.21 -27.83 15.52
N ALA A 14 14.78 -28.77 14.76
CA ALA A 14 16.12 -29.28 15.01
C ALA A 14 17.15 -28.35 14.40
N ASP A 15 17.18 -28.31 13.08
CA ASP A 15 18.06 -27.41 12.34
C ASP A 15 17.66 -25.97 12.64
N PHE A 16 16.36 -25.71 12.64
CA PHE A 16 15.87 -24.38 12.99
C PHE A 16 16.60 -23.86 14.21
N ARG A 17 16.65 -24.69 15.25
CA ARG A 17 17.33 -24.31 16.49
C ARG A 17 18.84 -24.19 16.26
N LYS A 18 19.32 -24.73 15.14
CA LYS A 18 20.73 -24.58 14.76
C LYS A 18 21.00 -23.19 14.20
N PHE A 19 20.22 -22.75 13.21
CA PHE A 19 20.39 -21.41 12.65
C PHE A 19 20.09 -20.37 13.71
N PHE A 20 19.03 -20.61 14.48
CA PHE A 20 18.60 -19.67 15.49
C PHE A 20 19.74 -19.38 16.48
N ALA A 21 20.56 -20.39 16.72
CA ALA A 21 21.73 -20.23 17.56
C ALA A 21 22.83 -19.46 16.83
N LYS A 22 22.87 -19.62 15.51
CA LYS A 22 23.88 -18.97 14.69
C LYS A 22 23.53 -17.51 14.41
N ALA A 23 22.36 -17.29 13.82
CA ALA A 23 21.93 -15.99 13.32
C ALA A 23 22.04 -14.85 14.33
N LYS A 24 22.41 -13.67 13.83
CA LYS A 24 22.82 -12.54 14.68
C LYS A 24 21.94 -11.30 14.54
N HIS A 25 21.07 -11.27 13.55
CA HIS A 25 20.09 -10.19 13.41
C HIS A 25 18.76 -10.76 12.94
N ILE A 26 17.89 -11.09 13.88
CA ILE A 26 16.63 -11.71 13.53
C ILE A 26 15.55 -10.67 13.29
N VAL A 27 14.78 -10.87 12.22
CA VAL A 27 13.63 -10.01 11.95
C VAL A 27 12.36 -10.83 11.99
N ILE A 28 11.39 -10.35 12.75
CA ILE A 28 10.21 -11.12 13.05
C ILE A 28 8.94 -10.42 12.61
N ILE A 29 8.45 -10.84 11.45
CA ILE A 29 7.22 -10.32 10.88
C ILE A 29 6.00 -10.94 11.57
N SER A 30 5.19 -10.11 12.21
CA SER A 30 4.09 -10.59 13.06
C SER A 30 2.72 -10.48 12.42
N GLY A 31 1.81 -11.38 12.79
CA GLY A 31 0.55 -11.51 12.08
C GLY A 31 -0.74 -11.40 12.87
N ALA A 32 -1.81 -11.11 12.16
CA ALA A 32 -3.16 -11.05 12.73
C ALA A 32 -3.33 -12.20 13.71
N GLY A 33 -2.86 -13.37 13.30
CA GLY A 33 -2.97 -14.57 14.10
C GLY A 33 -2.43 -14.36 15.51
N VAL A 34 -1.21 -13.85 15.60
CA VAL A 34 -0.59 -13.66 16.91
C VAL A 34 -1.56 -12.93 17.83
N SER A 35 -2.21 -11.87 17.31
CA SER A 35 -3.18 -11.11 18.09
C SER A 35 -4.48 -11.88 18.36
N ALA A 36 -4.90 -12.69 17.39
CA ALA A 36 -6.17 -13.43 17.51
C ALA A 36 -6.08 -14.58 18.50
N GLU A 37 -4.86 -15.07 18.75
CA GLU A 37 -4.65 -16.13 19.74
C GLU A 37 -4.85 -15.58 21.14
N SER A 38 -4.60 -14.29 21.32
CA SER A 38 -4.94 -13.62 22.56
C SER A 38 -6.46 -13.71 22.71
N GLY A 39 -7.10 -12.60 23.06
CA GLY A 39 -8.55 -12.56 23.05
C GLY A 39 -9.01 -11.61 21.97
N VAL A 40 -8.05 -11.11 21.19
CA VAL A 40 -8.28 -9.91 20.40
C VAL A 40 -9.03 -10.12 19.08
N PRO A 41 -10.06 -9.28 18.88
CA PRO A 41 -10.94 -9.09 17.72
C PRO A 41 -10.22 -8.72 16.45
N THR A 42 -10.21 -9.64 15.50
CA THR A 42 -9.84 -9.33 14.13
C THR A 42 -11.11 -8.83 13.47
N PHE A 43 -10.97 -7.95 12.48
CA PHE A 43 -12.14 -7.51 11.71
C PHE A 43 -11.82 -7.61 10.24
N ARG A 44 -10.69 -7.05 9.82
CA ARG A 44 -10.18 -7.36 8.50
C ARG A 44 -9.95 -8.86 8.56
N GLY A 45 -11.06 -9.59 8.53
CA GLY A 45 -11.10 -11.01 8.86
C GLY A 45 -12.31 -11.66 8.19
N ALA A 46 -12.66 -12.87 8.61
CA ALA A 46 -13.73 -13.61 7.95
C ALA A 46 -15.10 -13.06 8.34
N GLY A 47 -15.41 -13.14 9.63
CA GLY A 47 -16.65 -12.58 10.16
C GLY A 47 -16.37 -11.66 11.33
N GLY A 48 -17.43 -11.27 12.04
CA GLY A 48 -17.33 -10.27 13.10
C GLY A 48 -17.29 -8.88 12.49
N TYR A 49 -18.46 -8.38 12.11
CA TYR A 49 -18.55 -7.16 11.29
C TYR A 49 -18.33 -5.83 12.02
N TRP A 50 -18.66 -5.78 13.32
CA TRP A 50 -19.02 -4.53 14.00
C TRP A 50 -20.33 -4.05 13.39
N ARG A 51 -21.38 -4.08 14.21
CA ARG A 51 -22.69 -3.55 13.86
C ARG A 51 -23.09 -3.70 12.39
N LYS A 52 -23.50 -2.59 11.78
CA LYS A 52 -24.20 -2.62 10.50
C LYS A 52 -23.31 -2.44 9.28
N TRP A 53 -22.00 -2.64 9.43
CA TRP A 53 -21.09 -2.32 8.32
C TRP A 53 -19.89 -3.25 8.15
N GLN A 54 -19.40 -3.30 6.91
CA GLN A 54 -18.12 -3.92 6.61
C GLN A 54 -17.01 -3.08 7.22
N ALA A 55 -16.01 -3.75 7.81
CA ALA A 55 -14.95 -3.08 8.54
C ALA A 55 -13.78 -2.69 7.63
N GLN A 56 -13.68 -3.37 6.49
CA GLN A 56 -12.82 -2.86 5.43
C GLN A 56 -13.46 -1.57 4.93
N ASP A 57 -14.72 -1.36 5.34
CA ASP A 57 -15.51 -0.24 4.86
C ASP A 57 -15.59 0.95 5.84
N LEU A 58 -15.41 0.68 7.12
CA LEU A 58 -15.39 1.77 8.11
C LEU A 58 -14.00 2.36 8.19
N ALA A 59 -13.00 1.57 7.82
CA ALA A 59 -11.62 1.97 8.00
C ALA A 59 -11.04 2.62 6.74
N THR A 60 -11.86 3.42 6.07
CA THR A 60 -11.41 4.19 4.90
C THR A 60 -11.47 5.69 5.19
N PRO A 61 -10.68 6.49 4.45
CA PRO A 61 -10.63 7.94 4.67
C PRO A 61 -11.93 8.67 4.36
N LEU A 62 -12.80 8.07 3.55
CA LEU A 62 -14.05 8.71 3.20
C LEU A 62 -15.11 8.41 4.24
N ALA A 63 -14.92 7.34 4.99
CA ALA A 63 -15.76 7.09 6.15
C ALA A 63 -15.59 8.23 7.15
N PHE A 64 -14.34 8.55 7.48
CA PHE A 64 -14.08 9.65 8.42
C PHE A 64 -14.62 10.95 7.86
N ALA A 65 -14.87 10.96 6.56
CA ALA A 65 -15.34 12.14 5.87
C ALA A 65 -16.86 12.26 5.95
N HIS A 66 -17.55 11.13 5.74
CA HIS A 66 -19.01 11.07 5.74
C HIS A 66 -19.62 10.92 7.15
N ASN A 67 -19.10 10.01 7.97
CA ASN A 67 -19.39 10.05 9.40
C ASN A 67 -18.19 9.72 10.28
N PRO A 68 -17.42 10.76 10.61
CA PRO A 68 -16.34 10.74 11.61
C PRO A 68 -16.84 10.15 12.93
N SER A 69 -18.05 10.51 13.31
CA SER A 69 -18.60 10.07 14.59
C SER A 69 -18.58 8.55 14.68
N ARG A 70 -19.12 7.90 13.66
CA ARG A 70 -19.40 6.47 13.72
C ARG A 70 -18.17 5.66 13.40
N VAL A 71 -17.07 6.35 13.14
CA VAL A 71 -15.81 5.68 12.90
C VAL A 71 -15.08 5.63 14.23
N TRP A 72 -14.86 6.78 14.85
CA TRP A 72 -14.46 6.79 16.25
C TRP A 72 -15.31 5.78 17.03
N GLU A 73 -16.61 5.75 16.77
CA GLU A 73 -17.48 4.77 17.39
C GLU A 73 -16.82 3.41 17.29
N PHE A 74 -16.27 3.13 16.11
CA PHE A 74 -15.63 1.85 15.80
C PHE A 74 -14.30 1.69 16.52
N TYR A 75 -13.63 2.80 16.77
CA TYR A 75 -12.29 2.76 17.36
C TYR A 75 -12.29 3.05 18.86
N HIS A 76 -13.32 3.73 19.36
CA HIS A 76 -13.51 3.77 20.80
C HIS A 76 -13.53 2.31 21.24
N TYR A 77 -14.53 1.57 20.77
CA TYR A 77 -14.62 0.14 21.02
C TYR A 77 -13.26 -0.54 20.96
N ARG A 78 -12.64 -0.54 19.79
CA ARG A 78 -11.31 -1.11 19.61
C ARG A 78 -10.43 -0.83 20.83
N ARG A 79 -9.92 0.40 20.91
CA ARG A 79 -9.14 0.84 22.07
C ARG A 79 -9.64 0.17 23.34
N GLU A 80 -10.96 0.15 23.49
CA GLU A 80 -11.58 -0.36 24.71
C GLU A 80 -11.30 -1.84 24.93
N VAL A 81 -12.01 -2.69 24.21
CA VAL A 81 -11.91 -4.14 24.35
C VAL A 81 -10.56 -4.69 24.87
N MET A 82 -9.47 -3.96 24.62
CA MET A 82 -8.13 -4.46 24.98
C MET A 82 -7.72 -4.18 26.43
N GLY A 83 -8.55 -3.48 27.19
CA GLY A 83 -8.32 -3.36 28.61
C GLY A 83 -8.23 -4.75 29.20
N SER A 84 -9.07 -5.65 28.68
CA SER A 84 -9.16 -7.01 29.20
C SER A 84 -8.32 -8.04 28.43
N LYS A 85 -7.67 -7.64 27.35
CA LYS A 85 -6.81 -8.56 26.58
C LYS A 85 -5.34 -8.46 27.00
N GLU A 86 -4.62 -9.59 26.92
CA GLU A 86 -3.22 -9.68 27.35
C GLU A 86 -2.29 -10.18 26.24
N PRO A 87 -0.98 -9.87 26.35
CA PRO A 87 0.04 -10.54 25.54
C PRO A 87 0.05 -12.04 25.81
N ASN A 88 0.16 -12.87 24.78
CA ASN A 88 0.18 -14.32 24.98
C ASN A 88 1.58 -14.90 24.96
N ALA A 89 1.68 -16.22 24.81
CA ALA A 89 2.96 -16.92 24.89
C ALA A 89 3.82 -16.60 23.69
N GLY A 90 3.17 -16.29 22.58
CA GLY A 90 3.88 -15.83 21.39
C GLY A 90 4.46 -14.46 21.66
N HIS A 91 3.58 -13.48 21.92
CA HIS A 91 4.03 -12.14 22.20
C HIS A 91 5.18 -12.18 23.17
N ARG A 92 5.08 -13.09 24.15
CA ARG A 92 6.09 -13.20 25.19
C ARG A 92 7.35 -13.94 24.74
N ALA A 93 7.21 -15.10 24.09
CA ALA A 93 8.40 -15.79 23.61
C ALA A 93 9.25 -14.75 22.88
N ILE A 94 8.65 -14.13 21.88
CA ILE A 94 9.30 -13.08 21.10
C ILE A 94 9.93 -11.95 21.92
N ALA A 95 9.28 -11.56 23.00
CA ALA A 95 9.78 -10.45 23.82
C ALA A 95 11.04 -10.88 24.53
N GLU A 96 10.94 -11.98 25.26
CA GLU A 96 12.02 -12.51 26.08
C GLU A 96 13.25 -12.79 25.21
N CYS A 97 13.03 -13.47 24.09
CA CYS A 97 14.07 -13.69 23.10
C CYS A 97 14.73 -12.37 22.69
N GLU A 98 13.98 -11.27 22.68
CA GLU A 98 14.57 -9.98 22.31
C GLU A 98 15.55 -9.54 23.39
N THR A 99 15.09 -9.58 24.63
CA THR A 99 15.89 -9.18 25.77
C THR A 99 17.22 -9.96 25.79
N ARG A 100 17.15 -11.25 26.05
CA ARG A 100 18.32 -12.14 26.10
C ARG A 100 19.43 -11.77 25.11
N LEU A 101 19.24 -12.11 23.84
CA LEU A 101 20.25 -11.83 22.82
C LEU A 101 20.57 -10.35 22.78
N GLY A 102 19.66 -9.54 23.33
CA GLY A 102 19.89 -8.12 23.45
C GLY A 102 21.22 -7.86 24.13
N LYS A 103 21.34 -8.35 25.36
CA LYS A 103 22.60 -8.19 26.10
C LYS A 103 23.66 -9.18 25.64
N GLN A 104 23.27 -10.39 25.25
CA GLN A 104 24.21 -11.30 24.61
C GLN A 104 25.00 -10.47 23.60
N GLY A 105 24.32 -10.04 22.54
CA GLY A 105 24.92 -9.11 21.59
C GLY A 105 24.35 -9.20 20.18
N ARG A 106 23.03 -9.33 20.09
CA ARG A 106 22.36 -9.57 18.80
C ARG A 106 21.05 -8.78 18.71
N ARG A 107 20.65 -8.37 17.51
CA ARG A 107 19.38 -7.65 17.37
C ARG A 107 18.26 -8.57 16.89
N VAL A 108 17.15 -8.52 17.62
CA VAL A 108 15.89 -9.09 17.20
C VAL A 108 15.00 -7.90 16.83
N VAL A 109 14.32 -7.98 15.70
CA VAL A 109 13.33 -6.97 15.34
C VAL A 109 11.98 -7.60 15.12
N VAL A 110 10.93 -6.87 15.46
CA VAL A 110 9.57 -7.34 15.27
C VAL A 110 8.81 -6.40 14.34
N ILE A 111 8.37 -6.93 13.22
CA ILE A 111 7.62 -6.16 12.26
C ILE A 111 6.18 -6.63 12.31
N THR A 112 5.27 -5.69 12.52
CA THR A 112 3.94 -6.05 12.98
C THR A 112 2.92 -5.12 12.32
N GLN A 113 1.97 -5.72 11.62
CA GLN A 113 0.93 -4.99 10.93
C GLN A 113 -0.11 -4.57 11.95
N ASN A 114 -0.18 -5.36 13.02
CA ASN A 114 -1.16 -5.17 14.06
C ASN A 114 -1.08 -3.81 14.73
N ILE A 115 -2.17 -3.45 15.40
CA ILE A 115 -2.33 -2.11 15.92
C ILE A 115 -2.70 -2.15 17.41
N ASP A 116 -2.79 -3.37 17.95
CA ASP A 116 -3.24 -3.60 19.32
C ASP A 116 -2.21 -3.26 20.42
N GLU A 117 -0.93 -3.19 20.05
CA GLU A 117 0.16 -2.89 20.98
C GLU A 117 0.43 -4.01 22.00
N LEU A 118 -0.05 -5.21 21.68
CA LEU A 118 0.15 -6.36 22.55
C LEU A 118 1.62 -6.72 22.69
N HIS A 119 2.38 -6.54 21.61
CA HIS A 119 3.81 -6.78 21.64
C HIS A 119 4.49 -5.84 22.61
N ARG A 120 4.06 -4.58 22.57
CA ARG A 120 4.63 -3.55 23.44
C ARG A 120 4.30 -3.82 24.90
N LYS A 121 3.14 -4.39 25.19
CA LYS A 121 2.84 -4.73 26.58
C LYS A 121 3.73 -5.90 27.01
N ALA A 122 4.05 -6.78 26.07
CA ALA A 122 4.83 -7.98 26.38
C ALA A 122 6.30 -7.71 26.67
N GLY A 123 6.79 -6.54 26.26
CA GLY A 123 8.15 -6.14 26.58
C GLY A 123 9.07 -6.14 25.38
N THR A 124 8.45 -5.99 24.22
CA THR A 124 9.18 -5.90 22.97
C THR A 124 9.53 -4.43 22.74
N LYS A 125 10.81 -4.16 22.53
CA LYS A 125 11.29 -2.79 22.42
C LYS A 125 11.46 -2.43 20.94
N ASN A 126 12.04 -3.36 20.17
CA ASN A 126 12.12 -3.23 18.72
C ASN A 126 10.79 -3.57 18.07
N LEU A 127 9.92 -2.58 17.88
CA LEU A 127 8.64 -2.84 17.23
C LEU A 127 8.48 -1.99 15.98
N LEU A 128 7.88 -2.57 14.95
CA LEU A 128 7.52 -1.82 13.75
C LEU A 128 6.09 -2.11 13.38
N GLU A 129 5.21 -1.21 13.82
CA GLU A 129 3.80 -1.29 13.53
C GLU A 129 3.57 -0.52 12.23
N ILE A 130 3.32 -1.27 11.16
CA ILE A 130 3.30 -0.69 9.82
C ILE A 130 1.90 -0.20 9.44
N HIS A 131 1.08 0.00 10.46
CA HIS A 131 -0.27 0.53 10.32
C HIS A 131 -0.57 1.51 11.46
N GLY A 132 0.43 1.79 12.29
CA GLY A 132 0.25 2.68 13.43
C GLY A 132 -0.36 1.98 14.65
N SER A 133 -0.87 2.77 15.59
CA SER A 133 -1.52 2.22 16.79
C SER A 133 -2.91 2.82 17.00
N LEU A 134 -3.81 2.05 17.60
CA LEU A 134 -5.12 2.57 17.96
C LEU A 134 -5.07 3.04 19.41
N PHE A 135 -3.91 3.57 19.78
CA PHE A 135 -3.68 4.21 21.06
C PHE A 135 -2.75 5.35 20.73
N LYS A 136 -2.93 5.84 19.50
CA LYS A 136 -2.23 6.98 18.97
C LYS A 136 -3.23 7.71 18.09
N THR A 137 -3.21 9.03 18.18
CA THR A 137 -4.15 9.87 17.46
C THR A 137 -3.38 10.73 16.50
N ARG A 138 -4.02 11.13 15.41
CA ARG A 138 -3.45 12.17 14.58
C ARG A 138 -4.44 13.31 14.50
N CYS A 139 -3.96 14.51 14.80
CA CYS A 139 -4.75 15.70 14.56
C CYS A 139 -4.78 15.92 13.06
N THR A 140 -5.99 15.91 12.52
CA THR A 140 -6.21 15.99 11.09
C THR A 140 -5.99 17.41 10.58
N SER A 141 -5.56 18.29 11.47
CA SER A 141 -5.31 19.68 11.14
C SER A 141 -3.82 19.98 11.14
N CYS A 142 -3.19 19.92 12.31
CA CYS A 142 -1.74 20.08 12.41
C CYS A 142 -1.06 18.72 12.57
N GLY A 143 -1.44 17.77 11.73
CA GLY A 143 -0.91 16.43 11.78
C GLY A 143 0.15 16.20 12.85
N VAL A 144 -0.25 16.32 14.11
CA VAL A 144 0.61 15.93 15.23
C VAL A 144 0.19 14.54 15.69
N VAL A 145 1.11 13.80 16.31
CA VAL A 145 0.86 12.41 16.67
C VAL A 145 1.09 12.18 18.15
N ALA A 146 0.31 11.29 18.76
CA ALA A 146 0.29 11.23 20.22
C ALA A 146 -0.29 9.97 20.85
N GLU A 147 0.49 9.43 21.79
CA GLU A 147 0.04 8.34 22.66
C GLU A 147 -1.23 8.78 23.36
N ASN A 148 -2.31 8.04 23.16
CA ASN A 148 -3.53 8.33 23.89
C ASN A 148 -4.13 7.04 24.42
N TYR A 149 -4.33 7.00 25.73
CA TYR A 149 -4.72 5.79 26.43
C TYR A 149 -5.99 6.01 27.26
N LYS A 150 -6.43 7.26 27.29
CA LYS A 150 -7.60 7.69 28.05
C LYS A 150 -8.87 6.88 27.78
N SER A 151 -9.59 6.52 28.83
CA SER A 151 -10.79 5.69 28.69
C SER A 151 -12.05 6.35 29.25
N PRO A 152 -12.96 6.81 28.37
CA PRO A 152 -12.99 6.82 26.90
C PRO A 152 -12.06 7.89 26.36
N ILE A 153 -12.09 8.13 25.04
CA ILE A 153 -11.22 9.13 24.44
C ILE A 153 -11.84 10.52 24.54
N CYS A 154 -13.17 10.55 24.64
CA CYS A 154 -13.90 11.80 24.76
C CYS A 154 -15.18 11.52 25.54
N PRO A 155 -15.49 12.37 26.53
CA PRO A 155 -16.69 12.25 27.37
C PRO A 155 -17.91 11.77 26.57
N ALA A 156 -18.10 12.35 25.40
CA ALA A 156 -19.20 11.99 24.51
C ALA A 156 -19.24 10.48 24.24
N LEU A 157 -18.05 9.89 24.10
CA LEU A 157 -17.92 8.50 23.67
C LEU A 157 -18.11 7.50 24.81
N SER A 158 -18.03 7.99 26.04
CA SER A 158 -18.37 7.17 27.21
C SER A 158 -19.70 6.46 26.96
N GLY A 159 -19.68 5.14 27.09
CA GLY A 159 -20.88 4.34 26.87
C GLY A 159 -21.23 4.15 25.40
N LYS A 160 -20.66 4.97 24.53
CA LYS A 160 -20.93 4.87 23.10
C LYS A 160 -19.93 3.96 22.40
N GLY A 161 -20.43 3.03 21.59
CA GLY A 161 -19.58 2.12 20.83
C GLY A 161 -20.12 0.71 20.70
N ALA A 162 -21.24 0.43 21.35
CA ALA A 162 -21.83 -0.93 21.44
C ALA A 162 -21.57 -1.88 20.26
N PRO A 163 -20.97 -3.04 20.56
CA PRO A 163 -20.66 -4.14 19.63
C PRO A 163 -21.88 -4.63 18.84
N GLU A 164 -23.01 -4.76 19.52
CA GLU A 164 -24.22 -5.35 18.94
C GLU A 164 -24.68 -4.57 17.71
N PRO A 165 -25.54 -5.19 16.89
CA PRO A 165 -26.15 -4.56 15.71
C PRO A 165 -27.62 -4.22 15.91
N GLY A 166 -28.09 -3.20 15.22
CA GLY A 166 -29.36 -2.59 15.56
C GLY A 166 -29.13 -1.69 16.76
N THR A 167 -27.89 -1.66 17.23
CA THR A 167 -27.45 -0.63 18.15
C THR A 167 -27.79 0.65 17.42
N GLN A 168 -27.95 1.75 18.13
CA GLN A 168 -28.26 2.99 17.43
C GLN A 168 -26.97 3.72 17.10
N ASP A 169 -27.07 4.73 16.24
CA ASP A 169 -25.91 5.45 15.77
C ASP A 169 -25.31 6.19 16.95
N ALA A 170 -24.92 7.44 16.75
CA ALA A 170 -24.43 8.25 17.85
C ALA A 170 -24.43 9.66 17.34
N SER A 171 -23.83 9.84 16.18
CA SER A 171 -23.96 11.09 15.48
C SER A 171 -23.60 12.17 16.48
N ILE A 172 -22.40 12.01 17.03
CA ILE A 172 -21.80 12.99 17.91
C ILE A 172 -21.26 14.11 17.03
N PRO A 173 -21.90 15.30 17.11
CA PRO A 173 -21.37 16.50 16.46
C PRO A 173 -19.84 16.58 16.49
N VAL A 174 -19.25 16.77 15.31
CA VAL A 174 -17.79 16.77 15.17
C VAL A 174 -17.16 17.46 16.35
N GLU A 175 -17.67 18.63 16.70
CA GLU A 175 -17.08 19.44 17.76
C GLU A 175 -16.97 18.65 19.08
N LYS A 176 -17.86 17.69 19.32
CA LYS A 176 -17.77 16.85 20.51
C LYS A 176 -16.78 15.68 20.34
N LEU A 177 -16.31 15.41 19.13
CA LEU A 177 -15.42 14.25 18.92
C LEU A 177 -14.04 14.54 19.50
N PRO A 178 -13.09 13.61 19.34
CA PRO A 178 -11.78 13.93 19.92
C PRO A 178 -11.09 15.12 19.26
N ARG A 179 -10.71 16.09 20.09
CA ARG A 179 -10.11 17.34 19.64
C ARG A 179 -8.67 17.46 20.15
N CYS A 180 -7.75 17.73 19.23
CA CYS A 180 -6.36 18.01 19.57
C CYS A 180 -6.22 19.05 20.68
N GLU A 181 -5.48 18.73 21.75
CA GLU A 181 -5.25 19.70 22.82
C GLU A 181 -4.14 20.69 22.47
N GLU A 182 -3.43 20.45 21.37
CA GLU A 182 -2.38 21.37 20.94
C GLU A 182 -2.88 22.80 21.10
N ALA A 183 -2.10 23.63 21.77
CA ALA A 183 -2.55 24.97 22.14
C ALA A 183 -2.84 25.82 20.90
N GLY A 184 -4.10 26.21 20.76
CA GLY A 184 -4.55 27.01 19.62
C GLY A 184 -4.67 26.23 18.33
N CYS A 185 -4.95 24.93 18.43
CA CYS A 185 -5.20 24.12 17.23
C CYS A 185 -6.62 23.56 17.29
N GLY A 186 -6.78 22.43 17.98
CA GLY A 186 -8.09 21.86 18.23
C GLY A 186 -8.73 21.16 17.03
N GLY A 187 -7.95 20.92 15.98
CA GLY A 187 -8.44 20.20 14.83
C GLY A 187 -9.09 18.90 15.25
N LEU A 188 -9.76 18.23 14.31
CA LEU A 188 -10.45 16.98 14.61
C LEU A 188 -9.46 15.83 14.70
N LEU A 189 -9.44 15.12 15.82
CA LEU A 189 -8.53 13.98 15.94
C LEU A 189 -9.09 12.76 15.21
N ARG A 190 -8.22 12.08 14.49
CA ARG A 190 -8.53 10.77 13.94
C ARG A 190 -7.59 9.77 14.58
N PRO A 191 -7.80 8.48 14.30
CA PRO A 191 -6.86 7.46 14.76
C PRO A 191 -5.67 7.49 13.82
N HIS A 192 -4.49 7.41 14.39
CA HIS A 192 -3.25 7.41 13.63
C HIS A 192 -2.98 5.95 13.29
N VAL A 193 -3.78 5.45 12.38
CA VAL A 193 -3.82 4.04 12.01
C VAL A 193 -4.07 3.98 10.50
N VAL A 194 -3.18 3.32 9.77
CA VAL A 194 -3.22 3.30 8.31
C VAL A 194 -4.57 2.77 7.80
N TRP A 195 -5.25 3.54 6.96
CA TRP A 195 -6.52 3.11 6.41
C TRP A 195 -6.39 2.57 4.99
N PHE A 196 -7.36 1.77 4.60
CA PHE A 196 -7.47 1.29 3.23
C PHE A 196 -7.57 2.46 2.27
N GLY A 197 -6.79 2.40 1.20
CA GLY A 197 -6.60 3.54 0.34
C GLY A 197 -5.47 4.40 0.88
N GLU A 198 -5.17 4.24 2.17
CA GLU A 198 -4.10 5.00 2.80
C GLU A 198 -2.75 4.30 2.65
N ASN A 199 -1.69 5.11 2.63
CA ASN A 199 -0.34 4.63 2.43
C ASN A 199 0.40 4.57 3.75
N LEU A 200 1.72 4.43 3.63
CA LEU A 200 2.54 4.04 4.75
C LEU A 200 3.65 5.03 5.07
N ASP A 201 3.90 5.19 6.36
CA ASP A 201 5.01 5.97 6.87
C ASP A 201 6.28 5.55 6.15
N PRO A 202 6.81 6.43 5.29
CA PRO A 202 7.93 6.09 4.40
C PRO A 202 9.18 5.88 5.22
N ALA A 203 9.26 6.60 6.34
CA ALA A 203 10.30 6.38 7.31
C ALA A 203 10.22 4.94 7.76
N ILE A 204 9.08 4.59 8.37
CA ILE A 204 8.82 3.25 8.84
C ILE A 204 9.14 2.17 7.78
N LEU A 205 9.00 2.52 6.50
CA LEU A 205 9.30 1.56 5.43
C LEU A 205 10.79 1.45 5.12
N GLU A 206 11.49 2.57 5.22
CA GLU A 206 12.93 2.61 4.92
C GLU A 206 13.72 1.99 6.06
N GLU A 207 13.04 1.73 7.17
CA GLU A 207 13.64 1.01 8.28
C GLU A 207 13.29 -0.46 8.16
N VAL A 208 12.03 -0.71 7.84
CA VAL A 208 11.58 -2.03 7.44
C VAL A 208 12.57 -2.59 6.43
N ASP A 209 12.70 -1.90 5.31
CA ASP A 209 13.55 -2.36 4.23
C ASP A 209 14.99 -2.43 4.71
N ARG A 210 15.38 -1.49 5.57
CA ARG A 210 16.72 -1.52 6.15
C ARG A 210 16.95 -2.81 6.94
N GLU A 211 16.01 -3.18 7.79
CA GLU A 211 16.19 -4.35 8.64
C GLU A 211 15.99 -5.66 7.87
N LEU A 212 15.72 -5.56 6.57
CA LEU A 212 15.56 -6.74 5.73
C LEU A 212 16.85 -7.08 4.99
N ALA A 213 17.64 -6.08 4.67
CA ALA A 213 18.93 -6.30 4.03
C ALA A 213 19.93 -6.82 5.06
N HIS A 214 19.81 -6.32 6.27
CA HIS A 214 20.77 -6.61 7.33
C HIS A 214 20.38 -7.78 8.19
N CYS A 215 19.21 -8.36 7.94
CA CYS A 215 18.79 -9.49 8.75
C CYS A 215 19.36 -10.77 8.19
N ASP A 216 19.83 -11.62 9.09
CA ASP A 216 20.43 -12.88 8.72
C ASP A 216 19.53 -14.03 9.20
N LEU A 217 18.34 -13.68 9.68
CA LEU A 217 17.33 -14.68 10.03
C LEU A 217 15.95 -14.05 10.06
N CYS A 218 14.98 -14.65 9.36
CA CYS A 218 13.65 -14.05 9.24
C CYS A 218 12.50 -14.97 9.60
N LEU A 219 11.58 -14.43 10.40
CA LEU A 219 10.47 -15.19 10.92
C LEU A 219 9.13 -14.60 10.51
N VAL A 220 8.13 -15.46 10.37
CA VAL A 220 6.79 -15.05 9.97
C VAL A 220 5.78 -15.74 10.89
N VAL A 221 4.90 -14.96 11.52
CA VAL A 221 3.92 -15.53 12.43
C VAL A 221 2.52 -14.95 12.24
N GLY A 222 1.51 -15.83 12.21
CA GLY A 222 0.13 -15.38 12.22
C GLY A 222 -0.52 -15.30 10.85
N THR A 223 -0.25 -14.23 10.11
CA THR A 223 -0.64 -14.15 8.71
C THR A 223 0.58 -14.03 7.81
N SER A 224 0.62 -14.90 6.80
CA SER A 224 1.87 -15.29 6.15
C SER A 224 2.19 -14.45 4.92
N SER A 225 2.87 -15.07 3.96
CA SER A 225 3.28 -14.38 2.74
C SER A 225 2.25 -14.55 1.62
N VAL A 226 1.28 -15.42 1.84
CA VAL A 226 0.23 -15.65 0.86
C VAL A 226 -0.94 -14.70 1.07
N VAL A 227 -1.05 -14.18 2.28
CA VAL A 227 -2.24 -13.44 2.66
C VAL A 227 -1.87 -12.05 3.21
N TYR A 228 -2.65 -11.04 2.81
CA TYR A 228 -2.40 -9.67 3.24
C TYR A 228 -3.04 -9.47 4.61
N PRO A 229 -2.51 -8.51 5.39
CA PRO A 229 -1.36 -7.66 5.06
C PRO A 229 -0.01 -8.26 5.38
N ALA A 230 0.55 -9.06 4.47
CA ALA A 230 1.87 -9.65 4.68
C ALA A 230 2.37 -10.29 3.39
N ALA A 231 3.38 -9.67 2.78
CA ALA A 231 3.84 -10.13 1.48
C ALA A 231 5.05 -9.34 0.99
N MET A 232 4.90 -8.03 0.86
CA MET A 232 5.98 -7.17 0.38
C MET A 232 7.31 -7.53 1.06
N PHE A 233 7.25 -8.34 2.11
CA PHE A 233 8.45 -8.67 2.88
C PHE A 233 8.97 -10.09 2.64
N ALA A 234 8.10 -10.98 2.17
CA ALA A 234 8.50 -12.38 1.93
C ALA A 234 9.53 -12.52 0.81
N PRO A 235 9.33 -11.77 -0.28
CA PRO A 235 10.15 -11.91 -1.49
C PRO A 235 11.62 -11.56 -1.32
N GLN A 236 11.92 -10.53 -0.55
CA GLN A 236 13.30 -10.04 -0.44
C GLN A 236 14.24 -11.07 0.18
N VAL A 237 13.75 -11.78 1.19
CA VAL A 237 14.59 -12.69 1.95
C VAL A 237 15.12 -13.86 1.12
N ALA A 238 14.27 -14.45 0.28
CA ALA A 238 14.62 -15.66 -0.45
C ALA A 238 15.76 -15.45 -1.45
N ALA A 239 15.69 -14.34 -2.20
CA ALA A 239 16.66 -14.08 -3.26
C ALA A 239 18.08 -13.90 -2.72
N ARG A 240 18.17 -13.16 -1.56
CA ARG A 240 19.48 -12.86 -0.99
C ARG A 240 20.18 -14.12 -0.50
N GLY A 241 19.49 -15.15 -0.09
CA GLY A 241 20.07 -16.37 0.44
C GLY A 241 19.90 -16.42 1.95
N VAL A 242 18.65 -16.37 2.40
CA VAL A 242 18.35 -16.23 3.81
C VAL A 242 17.12 -17.05 4.19
N PRO A 243 17.18 -17.72 5.35
CA PRO A 243 16.17 -18.73 5.66
C PRO A 243 14.93 -18.13 6.28
N VAL A 244 13.78 -18.62 5.84
CA VAL A 244 12.50 -18.07 6.22
C VAL A 244 11.66 -19.13 6.94
N ALA A 245 11.54 -18.96 8.25
CA ALA A 245 10.67 -19.83 9.04
C ALA A 245 9.29 -19.21 9.12
N GLU A 246 8.27 -19.95 8.66
CA GLU A 246 6.89 -19.48 8.71
C GLU A 246 6.11 -20.21 9.81
N PHE A 247 5.63 -19.48 10.80
CA PHE A 247 4.85 -20.05 11.91
C PHE A 247 3.37 -19.71 11.78
N ASN A 248 2.53 -20.66 11.39
CA ASN A 248 1.12 -20.33 11.23
C ASN A 248 0.09 -21.28 11.83
N THR A 249 -1.16 -20.83 11.81
CA THR A 249 -2.31 -21.60 12.28
C THR A 249 -3.12 -22.07 11.08
N GLU A 250 -2.67 -21.68 9.89
CA GLU A 250 -3.35 -22.06 8.66
C GLU A 250 -2.83 -23.40 8.16
N THR A 251 -3.49 -24.47 8.58
CA THR A 251 -3.08 -25.83 8.23
C THR A 251 -2.44 -25.92 6.85
N THR A 252 -3.21 -26.29 5.82
CA THR A 252 -2.62 -26.46 4.49
C THR A 252 -2.97 -25.36 3.47
N PRO A 253 -4.21 -24.83 3.47
CA PRO A 253 -4.46 -23.79 2.48
C PRO A 253 -3.30 -22.79 2.39
N ALA A 254 -2.73 -22.62 1.20
CA ALA A 254 -1.58 -21.73 1.06
C ALA A 254 -1.13 -21.55 -0.40
N THR A 255 -0.30 -20.55 -0.62
CA THR A 255 0.29 -20.26 -1.92
C THR A 255 1.81 -20.00 -1.84
N ASN A 256 2.39 -20.10 -0.64
CA ASN A 256 3.83 -19.84 -0.45
C ASN A 256 4.56 -20.92 0.37
N ARG A 257 5.87 -21.07 0.12
CA ARG A 257 6.72 -22.00 0.88
C ARG A 257 8.19 -21.55 0.95
N PHE A 258 8.90 -22.00 1.98
CA PHE A 258 10.32 -21.63 2.18
C PHE A 258 11.06 -22.59 3.13
N ARG A 259 12.21 -22.14 3.65
CA ARG A 259 13.12 -23.02 4.39
C ARG A 259 12.53 -23.73 5.60
N PHE A 260 11.50 -23.14 6.20
CA PHE A 260 10.83 -23.78 7.32
C PHE A 260 9.36 -23.41 7.39
N HIS A 261 8.56 -24.37 7.83
CA HIS A 261 7.19 -24.09 8.23
C HIS A 261 6.88 -24.93 9.45
N PHE A 262 6.05 -24.39 10.31
CA PHE A 262 5.60 -25.11 11.49
C PHE A 262 4.09 -24.95 11.59
N GLN A 263 3.45 -25.60 12.56
CA GLN A 263 2.00 -25.61 12.56
C GLN A 263 1.41 -25.29 13.93
N GLY A 264 0.18 -24.79 13.89
CA GLY A 264 -0.57 -24.54 15.11
C GLY A 264 -0.20 -23.24 15.79
N PRO A 265 -0.88 -22.94 16.90
CA PRO A 265 -0.69 -21.66 17.58
C PRO A 265 0.78 -21.40 17.86
N CYS A 266 1.12 -20.13 17.93
CA CYS A 266 2.47 -19.70 18.19
C CYS A 266 2.65 -19.58 19.70
N GLY A 267 1.56 -19.80 20.42
CA GLY A 267 1.64 -20.02 21.84
C GLY A 267 2.42 -21.30 22.02
N THR A 268 1.93 -22.36 21.39
CA THR A 268 2.59 -23.67 21.44
C THR A 268 4.06 -23.53 21.06
N THR A 269 4.29 -23.54 19.76
CA THR A 269 5.60 -23.49 19.12
C THR A 269 6.59 -22.50 19.72
N LEU A 270 6.39 -21.22 19.44
CA LEU A 270 7.38 -20.18 19.72
C LEU A 270 8.16 -20.35 21.04
N PRO A 271 7.47 -20.42 22.18
CA PRO A 271 8.14 -20.49 23.49
C PRO A 271 9.37 -21.37 23.45
N GLU A 272 9.15 -22.57 22.93
CA GLU A 272 10.19 -23.56 22.77
C GLU A 272 11.22 -23.04 21.75
N ALA A 273 10.78 -22.80 20.52
CA ALA A 273 11.66 -22.33 19.45
C ALA A 273 12.70 -21.31 19.91
N LEU A 274 12.24 -20.17 20.41
CA LEU A 274 13.14 -19.06 20.76
C LEU A 274 13.80 -19.29 22.12
N THR B 6 -9.11 -27.66 -7.71
CA THR B 6 -8.56 -27.90 -6.39
C THR B 6 -7.33 -27.02 -6.12
N ALA B 7 -6.80 -26.40 -7.17
CA ALA B 7 -5.60 -25.57 -7.04
C ALA B 7 -5.89 -24.08 -6.81
N ARG B 8 -4.82 -23.33 -6.52
CA ARG B 8 -4.88 -21.88 -6.39
C ARG B 8 -3.71 -21.20 -7.14
N PRO B 9 -2.46 -21.56 -6.80
CA PRO B 9 -1.32 -20.91 -7.45
C PRO B 9 -1.11 -21.45 -8.85
N SER B 10 -2.08 -21.19 -9.72
CA SER B 10 -2.16 -21.83 -11.02
C SER B 10 -1.34 -21.10 -12.07
N SER B 11 -0.91 -21.84 -13.08
CA SER B 11 -0.27 -21.25 -14.26
C SER B 11 -1.00 -21.71 -15.51
N SER B 12 -2.31 -21.89 -15.39
CA SER B 12 -3.10 -22.43 -16.49
C SER B 12 -3.99 -21.39 -17.14
N MET B 13 -3.52 -20.85 -18.25
CA MET B 13 -4.32 -19.93 -19.04
C MET B 13 -5.71 -20.49 -19.25
N ALA B 14 -5.77 -21.80 -19.47
CA ALA B 14 -7.01 -22.45 -19.86
C ALA B 14 -8.06 -22.42 -18.74
N ASP B 15 -7.60 -22.44 -17.50
CA ASP B 15 -8.50 -22.28 -16.36
C ASP B 15 -8.75 -20.79 -16.05
N PHE B 16 -7.87 -19.91 -16.52
CA PHE B 16 -8.07 -18.48 -16.36
C PHE B 16 -9.00 -17.91 -17.45
N ARG B 17 -8.79 -18.29 -18.71
CA ARG B 17 -9.67 -17.88 -19.81
C ARG B 17 -11.14 -18.21 -19.54
N LYS B 18 -11.39 -19.28 -18.79
CA LYS B 18 -12.76 -19.75 -18.56
C LYS B 18 -13.44 -18.93 -17.47
N PHE B 19 -12.89 -17.74 -17.23
CA PHE B 19 -13.41 -16.75 -16.30
C PHE B 19 -13.61 -15.46 -17.10
N PHE B 20 -12.95 -15.41 -18.24
CA PHE B 20 -12.94 -14.28 -19.17
C PHE B 20 -14.27 -14.19 -19.92
N ALA B 21 -14.75 -15.32 -20.41
CA ALA B 21 -16.07 -15.36 -21.04
C ALA B 21 -17.17 -15.38 -19.98
N LYS B 22 -16.80 -15.16 -18.72
CA LYS B 22 -17.80 -15.14 -17.65
C LYS B 22 -17.64 -14.00 -16.64
N ALA B 23 -16.77 -13.03 -16.94
CA ALA B 23 -16.61 -11.89 -16.05
C ALA B 23 -17.35 -10.66 -16.57
N LYS B 24 -18.42 -10.28 -15.87
CA LYS B 24 -19.23 -9.14 -16.27
C LYS B 24 -18.53 -7.83 -15.90
N HIS B 25 -17.46 -7.93 -15.12
CA HIS B 25 -16.83 -6.74 -14.57
C HIS B 25 -15.43 -7.05 -14.07
N ILE B 26 -14.44 -6.72 -14.91
CA ILE B 26 -13.05 -7.04 -14.61
C ILE B 26 -12.32 -5.80 -14.20
N VAL B 27 -11.40 -5.92 -13.26
CA VAL B 27 -10.58 -4.78 -12.93
C VAL B 27 -9.11 -5.08 -13.18
N ILE B 28 -8.51 -4.18 -13.93
CA ILE B 28 -7.12 -4.32 -14.31
C ILE B 28 -6.36 -3.18 -13.68
N ILE B 29 -5.32 -3.56 -12.93
CA ILE B 29 -4.50 -2.61 -12.22
C ILE B 29 -3.15 -2.60 -12.90
N SER B 30 -2.71 -1.43 -13.34
CA SER B 30 -1.49 -1.34 -14.11
C SER B 30 -0.41 -0.62 -13.34
N GLY B 31 0.67 -1.35 -13.08
CA GLY B 31 1.85 -0.79 -12.45
C GLY B 31 2.89 -0.41 -13.47
N ALA B 32 4.14 -0.34 -13.02
CA ALA B 32 5.23 0.25 -13.78
C ALA B 32 5.72 -0.60 -14.94
N GLY B 33 5.70 -1.92 -14.77
CA GLY B 33 6.14 -2.82 -15.82
C GLY B 33 5.60 -2.44 -17.18
N VAL B 34 4.28 -2.32 -17.25
CA VAL B 34 3.58 -1.93 -18.48
C VAL B 34 4.16 -0.67 -19.15
N SER B 35 4.94 0.11 -18.41
CA SER B 35 5.56 1.32 -18.95
C SER B 35 7.04 1.08 -19.24
N ALA B 36 7.68 0.32 -18.36
CA ALA B 36 9.02 -0.18 -18.62
C ALA B 36 9.04 -0.83 -20.00
N GLU B 37 8.24 -1.87 -20.17
CA GLU B 37 8.09 -2.56 -21.45
C GLU B 37 7.84 -1.63 -22.63
N SER B 38 7.79 -0.32 -22.38
CA SER B 38 7.55 0.64 -23.45
C SER B 38 8.70 1.63 -23.59
N GLY B 39 9.66 1.56 -22.68
CA GLY B 39 10.79 2.47 -22.71
C GLY B 39 10.52 3.73 -21.92
N VAL B 40 9.57 3.64 -20.98
CA VAL B 40 9.32 4.72 -20.05
C VAL B 40 10.26 4.60 -18.87
N PRO B 41 11.04 5.65 -18.61
CA PRO B 41 11.96 5.73 -17.46
C PRO B 41 11.24 5.66 -16.13
N THR B 42 11.10 4.45 -15.57
CA THR B 42 10.64 4.31 -14.21
C THR B 42 11.71 4.92 -13.30
N PHE B 43 11.52 6.16 -12.89
CA PHE B 43 12.54 6.86 -12.10
C PHE B 43 12.61 6.37 -10.67
N ARG B 44 12.34 5.08 -10.47
CA ARG B 44 12.29 4.53 -9.14
C ARG B 44 13.06 3.22 -9.10
N GLY B 45 13.15 2.63 -7.92
CA GLY B 45 14.04 1.51 -7.71
C GLY B 45 15.46 2.03 -7.74
N ALA B 46 16.42 1.13 -7.59
CA ALA B 46 17.82 1.55 -7.53
C ALA B 46 18.25 2.23 -8.84
N GLY B 47 17.76 1.73 -9.96
CA GLY B 47 18.26 2.14 -11.26
C GLY B 47 18.07 3.60 -11.70
N GLY B 48 16.84 4.08 -11.71
CA GLY B 48 16.51 5.30 -12.43
C GLY B 48 16.62 6.61 -11.67
N TYR B 49 17.62 7.42 -12.03
CA TYR B 49 17.77 8.76 -11.48
C TYR B 49 17.71 9.80 -12.60
N TRP B 50 17.45 11.05 -12.23
CA TRP B 50 17.56 12.18 -13.13
C TRP B 50 18.61 13.10 -12.54
N ARG B 51 19.79 13.15 -13.14
CA ARG B 51 20.88 13.96 -12.62
C ARG B 51 21.42 13.31 -11.34
N LYS B 52 21.78 14.11 -10.33
CA LYS B 52 22.25 13.55 -9.06
C LYS B 52 21.16 12.67 -8.45
N TRP B 53 19.94 12.80 -8.99
CA TRP B 53 18.73 12.44 -8.23
C TRP B 53 17.90 11.27 -8.73
N GLN B 54 17.39 10.50 -7.78
CA GLN B 54 16.24 9.63 -8.02
C GLN B 54 14.97 10.38 -7.62
N ALA B 55 13.82 9.77 -7.84
CA ALA B 55 12.53 10.46 -7.74
C ALA B 55 12.24 11.04 -6.36
N GLN B 56 12.22 10.17 -5.35
CA GLN B 56 11.84 10.56 -4.00
C GLN B 56 12.27 11.97 -3.58
N ASP B 57 13.13 12.60 -4.37
CA ASP B 57 13.64 13.92 -4.02
C ASP B 57 12.97 15.05 -4.82
N LEU B 58 12.40 14.71 -5.96
CA LEU B 58 11.79 15.73 -6.81
C LEU B 58 10.26 15.65 -6.74
N ALA B 59 9.74 14.48 -6.38
CA ALA B 59 8.30 14.31 -6.20
C ALA B 59 7.88 14.59 -4.76
N THR B 60 8.06 15.84 -4.33
CA THR B 60 7.68 16.25 -2.97
C THR B 60 7.28 17.72 -2.91
N PRO B 61 6.24 18.04 -2.12
CA PRO B 61 5.97 19.45 -1.83
C PRO B 61 7.21 20.21 -1.37
N LEU B 62 8.03 19.62 -0.50
CA LEU B 62 9.25 20.28 -0.05
C LEU B 62 10.08 20.63 -1.27
N ALA B 63 10.31 19.63 -2.12
CA ALA B 63 11.11 19.80 -3.31
C ALA B 63 10.60 21.00 -4.11
N PHE B 64 9.28 21.12 -4.19
CA PHE B 64 8.63 22.11 -5.06
C PHE B 64 8.57 23.49 -4.44
N ALA B 65 8.33 23.57 -3.13
CA ALA B 65 8.29 24.85 -2.45
C ALA B 65 9.65 25.53 -2.53
N HIS B 66 10.69 24.72 -2.54
CA HIS B 66 12.06 25.21 -2.48
C HIS B 66 12.67 25.46 -3.85
N ASN B 67 12.42 24.55 -4.79
CA ASN B 67 13.03 24.66 -6.12
C ASN B 67 12.09 24.34 -7.26
N PRO B 68 10.88 24.89 -7.24
CA PRO B 68 9.88 24.57 -8.26
C PRO B 68 10.47 24.59 -9.66
N SER B 69 11.64 25.21 -9.80
CA SER B 69 12.26 25.39 -11.11
C SER B 69 13.02 24.16 -11.58
N ARG B 70 13.65 23.45 -10.63
CA ARG B 70 14.38 22.22 -10.94
C ARG B 70 13.41 21.05 -10.97
N VAL B 71 12.48 21.06 -10.04
CA VAL B 71 11.41 20.09 -9.99
C VAL B 71 10.67 20.13 -11.33
N TRP B 72 10.78 21.26 -12.03
CA TRP B 72 10.06 21.48 -13.28
C TRP B 72 10.87 21.10 -14.51
N GLU B 73 12.19 21.08 -14.38
CA GLU B 73 13.04 20.51 -15.42
C GLU B 73 12.76 19.03 -15.42
N PHE B 74 12.85 18.44 -14.23
CA PHE B 74 12.62 17.01 -14.06
C PHE B 74 11.42 16.58 -14.87
N TYR B 75 10.43 17.47 -14.92
CA TYR B 75 9.12 17.12 -15.46
C TYR B 75 8.97 17.52 -16.90
N HIS B 76 9.60 18.63 -17.27
CA HIS B 76 9.74 18.94 -18.67
C HIS B 76 10.32 17.70 -19.30
N TYR B 77 11.50 17.30 -18.82
CA TYR B 77 12.15 16.11 -19.32
C TYR B 77 11.17 14.94 -19.42
N ARG B 78 10.67 14.48 -18.27
CA ARG B 78 9.70 13.39 -18.25
C ARG B 78 8.56 13.67 -19.24
N ARG B 79 8.28 14.94 -19.51
CA ARG B 79 7.31 15.29 -20.54
C ARG B 79 7.93 15.05 -21.92
N GLU B 80 9.01 15.77 -22.19
CA GLU B 80 9.77 15.60 -23.43
C GLU B 80 10.01 14.15 -23.86
N VAL B 81 10.63 13.34 -23.02
CA VAL B 81 10.95 11.96 -23.39
C VAL B 81 9.72 11.26 -23.97
N MET B 82 8.54 11.73 -23.56
CA MET B 82 7.30 11.01 -23.83
C MET B 82 6.75 11.23 -25.23
N GLY B 83 7.03 12.38 -25.83
CA GLY B 83 6.52 12.67 -27.17
C GLY B 83 7.00 11.67 -28.19
N SER B 84 6.75 10.38 -27.95
CA SER B 84 7.14 9.33 -28.87
C SER B 84 6.90 7.92 -28.32
N LYS B 85 7.35 7.65 -27.10
CA LYS B 85 7.31 6.30 -26.58
C LYS B 85 5.90 5.72 -26.63
N GLU B 86 5.74 4.71 -27.50
CA GLU B 86 4.44 4.13 -27.84
C GLU B 86 4.03 3.08 -26.82
N PRO B 87 2.77 2.64 -26.88
CA PRO B 87 2.36 1.62 -25.91
C PRO B 87 2.47 0.19 -26.45
N ASN B 88 3.32 -0.59 -25.81
CA ASN B 88 3.44 -2.02 -26.07
C ASN B 88 2.11 -2.74 -26.13
N ALA B 89 2.08 -3.86 -26.83
CA ALA B 89 0.88 -4.68 -27.01
C ALA B 89 0.14 -4.99 -25.71
N GLY B 90 0.86 -5.04 -24.59
CA GLY B 90 0.20 -5.20 -23.31
C GLY B 90 -1.02 -4.30 -23.35
N HIS B 91 -0.81 -3.12 -23.92
CA HIS B 91 -1.86 -2.12 -24.05
C HIS B 91 -2.93 -2.49 -25.08
N ARG B 92 -2.58 -2.55 -26.37
CA ARG B 92 -3.63 -2.76 -27.37
C ARG B 92 -4.58 -3.81 -26.81
N ALA B 93 -4.01 -4.90 -26.32
CA ALA B 93 -4.80 -6.03 -25.82
C ALA B 93 -5.82 -5.57 -24.78
N ILE B 94 -5.35 -4.84 -23.80
CA ILE B 94 -6.19 -4.25 -22.77
C ILE B 94 -7.20 -3.31 -23.41
N ALA B 95 -6.68 -2.47 -24.30
CA ALA B 95 -7.50 -1.50 -25.03
C ALA B 95 -8.69 -2.20 -25.68
N GLU B 96 -8.42 -3.10 -26.62
CA GLU B 96 -9.49 -3.79 -27.34
C GLU B 96 -10.40 -4.54 -26.38
N CYS B 97 -9.83 -5.08 -25.31
CA CYS B 97 -10.62 -5.86 -24.37
C CYS B 97 -11.80 -5.01 -23.88
N GLU B 98 -11.51 -3.81 -23.39
CA GLU B 98 -12.56 -2.87 -23.02
C GLU B 98 -13.53 -2.75 -24.19
N THR B 99 -12.99 -2.53 -25.38
CA THR B 99 -13.80 -2.35 -26.58
C THR B 99 -14.75 -3.53 -26.84
N ARG B 100 -14.24 -4.76 -26.87
CA ARG B 100 -15.10 -5.92 -27.17
C ARG B 100 -16.02 -6.32 -26.02
N LEU B 101 -15.50 -6.45 -24.81
CA LEU B 101 -16.33 -6.90 -23.69
C LEU B 101 -17.47 -5.90 -23.46
N GLY B 102 -17.18 -4.61 -23.63
CA GLY B 102 -18.20 -3.57 -23.59
C GLY B 102 -19.36 -3.90 -24.51
N LYS B 103 -19.20 -3.69 -25.81
CA LYS B 103 -20.22 -4.05 -26.79
C LYS B 103 -21.14 -5.20 -26.34
N GLN B 104 -20.73 -5.95 -25.32
CA GLN B 104 -21.51 -7.10 -24.87
C GLN B 104 -22.14 -6.93 -23.49
N GLY B 105 -21.94 -5.76 -22.88
CA GLY B 105 -22.53 -5.45 -21.60
C GLY B 105 -21.63 -5.82 -20.43
N ARG B 106 -20.33 -5.77 -20.67
CA ARG B 106 -19.35 -6.11 -19.63
C ARG B 106 -18.47 -4.94 -19.24
N ARG B 107 -17.91 -5.04 -18.04
CA ARG B 107 -17.10 -3.98 -17.44
C ARG B 107 -15.62 -4.36 -17.56
N VAL B 108 -14.80 -3.37 -17.88
CA VAL B 108 -13.37 -3.53 -18.01
C VAL B 108 -12.78 -2.17 -17.70
N VAL B 109 -11.91 -2.11 -16.71
CA VAL B 109 -11.37 -0.81 -16.31
C VAL B 109 -9.93 -0.92 -15.83
N VAL B 110 -9.10 -0.02 -16.32
CA VAL B 110 -7.73 0.07 -15.87
C VAL B 110 -7.68 1.13 -14.78
N ILE B 111 -6.88 0.85 -13.77
CA ILE B 111 -6.58 1.77 -12.70
C ILE B 111 -5.08 1.72 -12.62
N THR B 112 -4.39 2.86 -12.71
CA THR B 112 -2.94 2.81 -12.65
C THR B 112 -2.30 4.00 -11.96
N GLN B 113 -1.03 3.78 -11.62
CA GLN B 113 -0.16 4.82 -11.08
C GLN B 113 0.59 5.50 -12.23
N ASN B 114 0.69 4.80 -13.36
CA ASN B 114 1.39 5.31 -14.53
C ASN B 114 0.86 6.67 -14.96
N ILE B 115 1.67 7.70 -14.75
CA ILE B 115 1.26 9.07 -15.05
C ILE B 115 1.65 9.49 -16.46
N ASP B 116 1.71 8.53 -17.39
CA ASP B 116 2.21 8.79 -18.73
C ASP B 116 1.16 8.62 -19.82
N GLU B 117 -0.06 8.24 -19.42
CA GLU B 117 -1.20 8.17 -20.33
C GLU B 117 -1.19 6.97 -21.28
N LEU B 118 -0.12 6.18 -21.24
CA LEU B 118 0.08 5.13 -22.24
C LEU B 118 -1.16 4.26 -22.50
N HIS B 119 -2.13 4.27 -21.57
CA HIS B 119 -3.34 3.47 -21.72
C HIS B 119 -4.44 4.21 -22.49
N ARG B 120 -4.64 5.47 -22.14
CA ARG B 120 -5.54 6.36 -22.88
C ARG B 120 -5.06 6.42 -24.31
N LYS B 121 -3.78 6.73 -24.47
CA LYS B 121 -3.18 6.91 -25.79
C LYS B 121 -3.10 5.60 -26.58
N ALA B 122 -3.68 4.53 -26.03
CA ALA B 122 -3.84 3.29 -26.80
C ALA B 122 -5.28 2.78 -26.81
N GLY B 123 -6.21 3.54 -26.25
CA GLY B 123 -7.63 3.29 -26.49
C GLY B 123 -8.52 3.12 -25.27
N THR B 124 -7.93 3.02 -24.09
CA THR B 124 -8.70 2.81 -22.88
C THR B 124 -9.54 4.04 -22.57
N LYS B 125 -10.78 3.83 -22.13
CA LYS B 125 -11.67 4.92 -21.74
C LYS B 125 -11.88 4.90 -20.22
N ASN B 126 -12.36 3.77 -19.69
CA ASN B 126 -12.45 3.61 -18.25
C ASN B 126 -11.05 3.63 -17.67
N LEU B 127 -10.53 4.84 -17.44
CA LEU B 127 -9.17 4.99 -16.96
C LEU B 127 -9.17 5.81 -15.68
N LEU B 128 -8.83 5.17 -14.57
CA LEU B 128 -8.75 5.86 -13.29
C LEU B 128 -7.28 6.05 -12.89
N GLU B 129 -6.66 7.10 -13.41
CA GLU B 129 -5.26 7.40 -13.10
C GLU B 129 -5.13 7.94 -11.69
N ILE B 130 -4.98 7.04 -10.73
CA ILE B 130 -5.01 7.42 -9.33
C ILE B 130 -3.86 8.35 -8.92
N HIS B 131 -2.92 8.60 -9.83
CA HIS B 131 -1.72 9.36 -9.48
C HIS B 131 -1.53 10.65 -10.29
N GLY B 132 -2.46 10.94 -11.18
CA GLY B 132 -2.39 12.14 -12.00
C GLY B 132 -1.90 11.83 -13.41
N SER B 133 -1.75 12.87 -14.23
CA SER B 133 -1.07 12.74 -15.51
C SER B 133 0.04 13.76 -15.57
N LEU B 134 1.17 13.39 -16.16
CA LEU B 134 2.28 14.32 -16.23
C LEU B 134 2.00 15.39 -17.28
N PHE B 135 0.85 15.29 -17.96
CA PHE B 135 0.45 16.33 -18.92
C PHE B 135 -0.68 17.22 -18.42
N LYS B 136 -1.50 16.74 -17.49
CA LYS B 136 -2.41 17.62 -16.77
C LYS B 136 -1.59 18.45 -15.80
N THR B 137 -1.93 19.72 -15.64
CA THR B 137 -1.32 20.54 -14.58
C THR B 137 -2.41 21.15 -13.72
N ARG B 138 -2.02 21.69 -12.57
CA ARG B 138 -2.96 22.28 -11.65
C ARG B 138 -2.41 23.56 -11.02
N CYS B 139 -3.17 24.65 -11.12
CA CYS B 139 -2.72 25.92 -10.56
C CYS B 139 -2.56 25.81 -9.05
N THR B 140 -1.38 26.20 -8.57
CA THR B 140 -1.11 26.23 -7.13
C THR B 140 -1.86 27.40 -6.49
N SER B 141 -2.29 28.35 -7.31
CA SER B 141 -3.03 29.52 -6.83
C SER B 141 -4.54 29.34 -6.93
N CYS B 142 -5.03 28.95 -8.11
CA CYS B 142 -6.47 28.90 -8.36
C CYS B 142 -7.05 27.49 -8.21
N GLY B 143 -6.21 26.49 -8.41
CA GLY B 143 -6.65 25.11 -8.33
C GLY B 143 -7.22 24.59 -9.63
N VAL B 144 -7.13 25.38 -10.70
CA VAL B 144 -7.63 24.86 -11.97
C VAL B 144 -6.73 23.75 -12.44
N VAL B 145 -7.38 22.66 -12.85
CA VAL B 145 -6.74 21.48 -13.38
C VAL B 145 -6.98 21.47 -14.87
N ALA B 146 -5.90 21.48 -15.64
CA ALA B 146 -5.98 21.66 -17.08
C ALA B 146 -5.04 20.70 -17.78
N GLU B 147 -5.46 20.13 -18.90
CA GLU B 147 -4.59 19.28 -19.70
C GLU B 147 -3.53 20.13 -20.39
N ASN B 148 -2.32 19.59 -20.53
CA ASN B 148 -1.25 20.30 -21.24
C ASN B 148 -0.26 19.36 -21.88
N TYR B 149 -0.08 19.51 -23.19
CA TYR B 149 0.97 18.80 -23.90
C TYR B 149 1.97 19.78 -24.50
N LYS B 150 1.56 21.02 -24.67
CA LYS B 150 2.44 22.03 -25.23
C LYS B 150 3.87 21.78 -24.73
N SER B 151 4.69 21.24 -25.63
CA SER B 151 6.12 21.07 -25.38
C SER B 151 6.87 22.00 -26.33
N PRO B 152 7.70 22.89 -25.79
CA PRO B 152 8.05 23.12 -24.38
C PRO B 152 6.84 23.64 -23.62
N ILE B 153 6.67 23.21 -22.37
CA ILE B 153 5.49 23.58 -21.61
C ILE B 153 5.39 25.10 -21.51
N CYS B 154 6.53 25.74 -21.27
CA CYS B 154 6.69 27.17 -21.42
C CYS B 154 7.96 27.35 -22.24
N PRO B 155 8.24 28.57 -22.72
CA PRO B 155 9.50 28.68 -23.48
C PRO B 155 10.79 28.69 -22.65
N ALA B 156 10.69 28.97 -21.35
CA ALA B 156 11.90 28.99 -20.52
C ALA B 156 12.31 27.57 -20.13
N LEU B 157 11.54 26.59 -20.59
CA LEU B 157 11.95 25.20 -20.53
C LEU B 157 12.23 24.72 -21.95
N SER B 158 12.98 25.54 -22.68
CA SER B 158 13.47 25.21 -24.00
C SER B 158 14.93 24.82 -23.82
N GLY B 159 15.33 23.71 -24.43
CA GLY B 159 16.68 23.21 -24.24
C GLY B 159 16.94 22.63 -22.87
N LYS B 160 15.96 22.70 -21.97
CA LYS B 160 16.17 22.33 -20.57
C LYS B 160 15.75 20.90 -20.23
N GLY B 161 15.87 20.57 -18.95
CA GLY B 161 15.58 19.23 -18.45
C GLY B 161 16.58 18.21 -18.95
N ALA B 162 17.75 18.14 -18.32
CA ALA B 162 18.78 17.17 -18.73
C ALA B 162 19.03 16.12 -17.65
N PRO B 163 19.19 14.85 -18.06
CA PRO B 163 19.24 13.79 -17.05
C PRO B 163 20.61 13.67 -16.39
N GLU B 164 21.68 13.93 -17.14
CA GLU B 164 23.05 13.70 -16.68
C GLU B 164 23.48 14.70 -15.60
N PRO B 165 24.08 14.18 -14.50
CA PRO B 165 24.50 14.98 -13.33
C PRO B 165 25.47 16.11 -13.66
N GLY B 166 25.50 17.14 -12.81
CA GLY B 166 26.42 18.24 -13.00
C GLY B 166 25.94 19.26 -14.02
N THR B 167 24.73 19.04 -14.54
CA THR B 167 24.04 20.08 -15.29
C THR B 167 23.55 21.08 -14.27
N GLN B 168 24.05 22.32 -14.34
CA GLN B 168 23.65 23.33 -13.37
C GLN B 168 22.16 23.63 -13.56
N ASP B 169 21.49 24.00 -12.48
CA ASP B 169 20.05 24.26 -12.54
C ASP B 169 19.73 25.31 -13.59
N ALA B 170 18.73 25.05 -14.41
CA ALA B 170 18.32 25.99 -15.45
C ALA B 170 18.12 27.37 -14.83
N SER B 171 17.53 27.40 -13.63
CA SER B 171 17.48 28.62 -12.80
C SER B 171 16.50 29.67 -13.30
N ILE B 172 15.30 29.22 -13.62
CA ILE B 172 14.27 30.06 -14.20
C ILE B 172 13.40 30.70 -13.12
N PRO B 173 13.34 32.04 -13.11
CA PRO B 173 12.47 32.84 -12.23
C PRO B 173 11.09 32.21 -12.14
N VAL B 174 10.45 32.21 -10.97
CA VAL B 174 9.16 31.53 -10.82
C VAL B 174 8.24 32.05 -11.89
N GLU B 175 8.44 33.31 -12.22
CA GLU B 175 7.62 34.00 -13.20
C GLU B 175 7.74 33.37 -14.60
N LYS B 176 8.96 32.98 -14.96
CA LYS B 176 9.24 32.36 -16.27
C LYS B 176 8.69 30.94 -16.36
N LEU B 177 8.63 30.26 -15.23
CA LEU B 177 8.06 28.92 -15.19
C LEU B 177 6.61 29.01 -15.63
N PRO B 178 6.05 27.88 -16.10
CA PRO B 178 4.66 27.85 -16.54
C PRO B 178 3.73 28.47 -15.50
N ARG B 179 2.68 29.12 -15.96
CA ARG B 179 1.79 29.88 -15.10
C ARG B 179 0.34 29.70 -15.57
N CYS B 180 -0.61 29.93 -14.68
CA CYS B 180 -2.03 29.73 -15.00
C CYS B 180 -2.52 30.74 -16.05
N GLU B 181 -3.44 30.35 -16.92
CA GLU B 181 -4.03 31.32 -17.85
C GLU B 181 -5.54 31.47 -17.72
N GLU B 182 -6.10 31.27 -16.53
CA GLU B 182 -7.42 31.80 -16.28
C GLU B 182 -7.22 33.30 -16.27
N ALA B 183 -8.13 34.04 -16.89
CA ALA B 183 -8.03 35.49 -16.92
C ALA B 183 -7.77 35.98 -15.51
N GLY B 184 -6.64 36.64 -15.29
CA GLY B 184 -6.31 37.11 -13.97
C GLY B 184 -6.26 35.99 -12.95
N CYS B 185 -5.32 35.07 -13.16
CA CYS B 185 -4.79 34.24 -12.09
C CYS B 185 -3.30 34.36 -12.26
N GLY B 186 -2.84 33.92 -13.43
CA GLY B 186 -1.44 34.02 -13.80
C GLY B 186 -0.52 33.40 -12.77
N GLY B 187 -1.04 32.43 -12.02
CA GLY B 187 -0.30 31.84 -10.91
C GLY B 187 0.44 30.56 -11.24
N LEU B 188 1.47 30.27 -10.45
CA LEU B 188 2.37 29.16 -10.72
C LEU B 188 1.64 27.84 -10.92
N LEU B 189 1.95 27.15 -12.00
CA LEU B 189 1.37 25.83 -12.22
C LEU B 189 2.28 24.76 -11.62
N ARG B 190 1.69 23.62 -11.29
CA ARG B 190 2.47 22.48 -10.88
C ARG B 190 1.86 21.25 -11.50
N PRO B 191 2.71 20.28 -11.86
CA PRO B 191 2.25 19.04 -12.49
C PRO B 191 1.09 18.48 -11.69
N HIS B 192 0.08 17.98 -12.39
CA HIS B 192 -1.04 17.33 -11.74
C HIS B 192 -0.67 15.87 -11.62
N VAL B 193 0.18 15.59 -10.64
CA VAL B 193 0.76 14.30 -10.38
C VAL B 193 0.74 14.20 -8.87
N VAL B 194 0.47 13.03 -8.31
CA VAL B 194 0.52 12.93 -6.86
C VAL B 194 1.97 12.77 -6.41
N TRP B 195 2.25 13.20 -5.19
CA TRP B 195 3.60 13.35 -4.72
C TRP B 195 3.72 12.72 -3.34
N PHE B 196 4.93 12.35 -2.95
CA PHE B 196 5.15 11.82 -1.62
C PHE B 196 4.63 12.82 -0.61
N GLY B 197 4.15 12.32 0.52
CA GLY B 197 3.53 13.14 1.54
C GLY B 197 2.07 13.38 1.22
N GLU B 198 1.73 13.30 -0.08
CA GLU B 198 0.39 13.65 -0.53
C GLU B 198 -0.54 12.45 -0.65
N ASN B 199 -1.80 12.71 -0.36
CA ASN B 199 -2.86 11.71 -0.50
C ASN B 199 -3.36 11.64 -1.92
N LEU B 200 -4.16 10.61 -2.16
CA LEU B 200 -4.91 10.50 -3.40
C LEU B 200 -6.00 11.55 -3.43
N ASP B 201 -6.78 11.52 -4.49
CA ASP B 201 -8.00 12.31 -4.59
C ASP B 201 -9.15 11.45 -4.09
N PRO B 202 -9.86 11.93 -3.06
CA PRO B 202 -11.09 11.32 -2.55
C PRO B 202 -12.04 10.81 -3.63
N ALA B 203 -12.15 11.57 -4.73
CA ALA B 203 -13.11 11.26 -5.77
C ALA B 203 -12.73 9.99 -6.50
N ILE B 204 -11.44 9.66 -6.43
CA ILE B 204 -10.90 8.50 -7.13
C ILE B 204 -10.85 7.31 -6.17
N LEU B 205 -10.33 7.52 -4.96
CA LEU B 205 -10.45 6.52 -3.90
C LEU B 205 -11.86 5.95 -3.97
N GLU B 206 -12.82 6.87 -3.90
CA GLU B 206 -14.25 6.58 -3.88
C GLU B 206 -14.68 5.70 -5.04
N GLU B 207 -14.29 6.13 -6.24
CA GLU B 207 -14.69 5.48 -7.47
C GLU B 207 -13.97 4.15 -7.64
N VAL B 208 -12.76 4.10 -7.13
CA VAL B 208 -11.94 2.90 -7.16
C VAL B 208 -12.58 1.80 -6.32
N ASP B 209 -12.73 2.06 -5.02
CA ASP B 209 -13.37 1.11 -4.14
C ASP B 209 -14.62 0.55 -4.81
N ARG B 210 -15.37 1.41 -5.48
CA ARG B 210 -16.54 0.95 -6.19
C ARG B 210 -16.14 -0.06 -7.26
N GLU B 211 -15.01 0.16 -7.94
CA GLU B 211 -14.52 -0.86 -8.86
C GLU B 211 -14.09 -2.08 -8.04
N LEU B 212 -13.04 -1.92 -7.26
CA LEU B 212 -12.55 -2.98 -6.38
C LEU B 212 -13.69 -3.82 -5.85
N ALA B 213 -14.63 -3.14 -5.20
CA ALA B 213 -15.74 -3.79 -4.55
C ALA B 213 -16.60 -4.57 -5.54
N HIS B 214 -16.77 -4.02 -6.74
CA HIS B 214 -17.76 -4.58 -7.66
C HIS B 214 -17.18 -5.52 -8.73
N CYS B 215 -15.88 -5.44 -8.99
CA CYS B 215 -15.25 -6.28 -9.99
C CYS B 215 -15.55 -7.76 -9.74
N ASP B 216 -15.94 -8.49 -10.79
CA ASP B 216 -16.08 -9.93 -10.65
C ASP B 216 -14.80 -10.69 -11.03
N LEU B 217 -13.80 -9.98 -11.53
CA LEU B 217 -12.47 -10.56 -11.78
C LEU B 217 -11.40 -9.47 -11.75
N CYS B 218 -10.24 -9.79 -11.21
CA CYS B 218 -9.16 -8.80 -11.08
C CYS B 218 -7.85 -9.26 -11.73
N LEU B 219 -7.21 -8.36 -12.49
CA LEU B 219 -5.86 -8.59 -13.00
C LEU B 219 -4.90 -7.53 -12.46
N VAL B 220 -3.67 -7.95 -12.17
CA VAL B 220 -2.62 -7.06 -11.76
C VAL B 220 -1.42 -7.29 -12.64
N VAL B 221 -1.18 -6.37 -13.57
CA VAL B 221 -0.04 -6.51 -14.46
C VAL B 221 0.89 -5.35 -14.17
N GLY B 222 2.07 -5.39 -14.77
CA GLY B 222 3.01 -4.30 -14.59
C GLY B 222 3.80 -4.46 -13.31
N THR B 223 3.08 -4.59 -12.20
CA THR B 223 3.74 -4.86 -10.93
C THR B 223 3.12 -6.08 -10.26
N SER B 224 3.82 -6.58 -9.24
CA SER B 224 3.34 -7.72 -8.46
C SER B 224 2.53 -7.20 -7.27
N SER B 225 1.39 -7.82 -6.99
CA SER B 225 0.57 -7.38 -5.87
C SER B 225 1.24 -7.73 -4.55
N VAL B 226 2.24 -6.94 -4.22
CA VAL B 226 3.00 -7.08 -2.99
C VAL B 226 3.51 -5.69 -2.65
N VAL B 227 3.87 -4.93 -3.69
CA VAL B 227 4.28 -3.53 -3.54
C VAL B 227 3.10 -2.58 -3.68
N TYR B 228 3.37 -1.29 -3.48
CA TYR B 228 2.36 -0.26 -3.53
C TYR B 228 2.30 0.44 -4.89
N PRO B 229 1.11 0.91 -5.28
CA PRO B 229 -0.08 1.01 -4.42
C PRO B 229 -1.15 -0.05 -4.66
N ALA B 230 -0.95 -0.92 -5.64
CA ALA B 230 -1.88 -2.02 -5.91
C ALA B 230 -2.14 -2.82 -4.64
N ALA B 231 -1.23 -2.70 -3.68
CA ALA B 231 -1.36 -3.38 -2.40
C ALA B 231 -2.57 -2.88 -1.64
N MET B 232 -3.33 -1.99 -2.29
CA MET B 232 -4.54 -1.42 -1.72
C MET B 232 -5.73 -1.87 -2.54
N PHE B 233 -5.45 -2.72 -3.54
CA PHE B 233 -6.45 -2.98 -4.56
C PHE B 233 -6.64 -4.48 -4.82
N ALA B 234 -5.56 -5.23 -4.93
CA ALA B 234 -5.65 -6.68 -5.06
C ALA B 234 -6.18 -7.32 -3.78
N PRO B 235 -5.41 -7.19 -2.69
CA PRO B 235 -5.74 -7.83 -1.41
C PRO B 235 -7.24 -7.96 -1.17
N GLN B 236 -7.92 -6.83 -1.04
CA GLN B 236 -9.34 -6.82 -0.69
C GLN B 236 -10.22 -7.34 -1.81
N VAL B 237 -9.61 -8.01 -2.77
CA VAL B 237 -10.35 -8.66 -3.84
C VAL B 237 -10.21 -10.18 -3.69
N ALA B 238 -8.97 -10.61 -3.53
CA ALA B 238 -8.67 -12.01 -3.22
C ALA B 238 -9.33 -12.36 -1.91
N ALA B 239 -8.95 -11.63 -0.87
CA ALA B 239 -9.52 -11.78 0.47
C ALA B 239 -11.03 -11.52 0.50
N ARG B 240 -11.63 -11.38 -0.68
CA ARG B 240 -13.06 -11.11 -0.80
C ARG B 240 -13.72 -12.19 -1.65
N GLY B 241 -12.91 -13.11 -2.17
CA GLY B 241 -13.41 -14.26 -2.92
C GLY B 241 -13.05 -14.21 -4.40
N VAL B 242 -12.75 -13.01 -4.89
CA VAL B 242 -12.49 -12.79 -6.31
C VAL B 242 -11.10 -13.27 -6.71
N PRO B 243 -11.02 -14.04 -7.82
CA PRO B 243 -9.77 -14.65 -8.28
C PRO B 243 -8.85 -13.66 -8.96
N VAL B 244 -7.61 -13.62 -8.53
CA VAL B 244 -6.70 -12.62 -9.07
C VAL B 244 -5.51 -13.21 -9.82
N ALA B 245 -5.50 -12.95 -11.13
CA ALA B 245 -4.43 -13.39 -11.99
C ALA B 245 -3.42 -12.26 -12.17
N GLU B 246 -2.19 -12.43 -11.67
CA GLU B 246 -1.19 -11.39 -11.86
C GLU B 246 -0.24 -11.73 -13.01
N PHE B 247 0.32 -10.69 -13.63
CA PHE B 247 1.19 -10.84 -14.78
C PHE B 247 2.39 -9.92 -14.61
N ASN B 248 3.56 -10.48 -14.36
CA ASN B 248 4.77 -9.66 -14.19
C ASN B 248 6.03 -10.44 -14.50
N THR B 249 7.05 -9.73 -14.95
CA THR B 249 8.31 -10.37 -15.35
C THR B 249 9.16 -10.76 -14.14
N GLU B 250 8.53 -10.84 -12.98
CA GLU B 250 9.19 -11.25 -11.72
C GLU B 250 9.53 -10.07 -10.82
N THR B 251 8.90 -8.93 -11.07
CA THR B 251 9.12 -7.72 -10.26
C THR B 251 9.49 -8.06 -8.81
N THR B 252 10.78 -7.92 -8.50
CA THR B 252 11.39 -8.35 -7.23
C THR B 252 10.48 -9.08 -6.19
N PRO B 253 9.53 -8.40 -5.53
CA PRO B 253 8.70 -9.29 -4.72
C PRO B 253 7.41 -9.74 -5.40
N ALA B 254 6.99 -10.97 -5.14
CA ALA B 254 5.78 -11.54 -5.72
C ALA B 254 5.57 -12.88 -5.03
N THR B 255 4.39 -13.10 -4.44
CA THR B 255 4.14 -14.37 -3.76
C THR B 255 3.00 -15.12 -4.40
N ASN B 256 2.41 -14.54 -5.44
CA ASN B 256 1.11 -14.94 -5.98
C ASN B 256 0.12 -13.87 -5.56
N ARG B 257 -1.14 -14.25 -5.46
CA ARG B 257 -2.13 -13.44 -4.78
C ARG B 257 -3.02 -14.36 -3.96
N PHE B 258 -3.85 -15.10 -4.66
CA PHE B 258 -4.66 -16.16 -4.09
C PHE B 258 -4.87 -17.17 -5.21
N ARG B 259 -4.57 -16.75 -6.43
CA ARG B 259 -4.90 -17.45 -7.66
C ARG B 259 -3.73 -17.49 -8.64
N PHE B 260 -4.01 -17.22 -9.91
CA PHE B 260 -3.06 -17.42 -11.00
C PHE B 260 -1.86 -16.50 -10.95
N HIS B 261 -0.80 -16.94 -11.60
CA HIS B 261 0.39 -16.13 -11.82
C HIS B 261 0.80 -16.40 -13.25
N PHE B 262 1.26 -15.36 -13.94
CA PHE B 262 1.84 -15.56 -15.26
C PHE B 262 3.03 -14.64 -15.43
N GLN B 263 4.20 -15.17 -15.09
CA GLN B 263 5.45 -14.44 -15.24
C GLN B 263 5.63 -14.01 -16.68
N GLY B 264 6.34 -12.91 -16.87
CA GLY B 264 6.78 -12.52 -18.19
C GLY B 264 6.26 -11.16 -18.59
N PRO B 265 6.59 -10.74 -19.81
CA PRO B 265 6.06 -9.46 -20.30
C PRO B 265 4.55 -9.52 -20.42
N CYS B 266 3.93 -8.39 -20.15
CA CYS B 266 2.50 -8.24 -20.33
C CYS B 266 2.25 -8.13 -21.82
N GLY B 267 3.16 -7.47 -22.53
CA GLY B 267 3.10 -7.42 -23.98
C GLY B 267 3.08 -8.82 -24.56
N THR B 268 3.81 -9.74 -23.92
CA THR B 268 3.98 -11.09 -24.43
C THR B 268 2.87 -12.04 -24.00
N THR B 269 2.34 -11.82 -22.80
CA THR B 269 1.46 -12.79 -22.16
C THR B 269 0.00 -12.34 -22.06
N LEU B 270 -0.23 -11.03 -22.19
CA LEU B 270 -1.57 -10.48 -22.07
C LEU B 270 -2.36 -10.54 -23.36
N PRO B 271 -1.70 -10.31 -24.50
CA PRO B 271 -2.48 -10.41 -25.72
C PRO B 271 -3.22 -11.74 -25.73
N GLU B 272 -2.52 -12.77 -25.30
CA GLU B 272 -3.03 -14.13 -25.39
C GLU B 272 -4.02 -14.46 -24.26
N ALA B 273 -3.85 -13.84 -23.10
CA ALA B 273 -4.75 -14.07 -21.98
C ALA B 273 -6.05 -13.32 -22.18
N LEU B 274 -5.93 -12.05 -22.56
CA LEU B 274 -7.07 -11.17 -22.77
C LEU B 274 -7.51 -11.18 -24.23
N ALA B 275 -7.79 -12.35 -24.77
CA ALA B 275 -8.22 -12.45 -26.16
C ALA B 275 -9.73 -12.60 -26.25
N HIS C 2 -2.91 7.93 -0.19
CA HIS C 2 -2.28 8.62 0.94
C HIS C 2 -0.78 8.45 0.95
N LYS C 3 -0.06 8.90 -0.09
CA LYS C 3 1.42 8.78 -0.13
C LYS C 3 1.87 8.39 -1.53
CAL FDL C 4 7.76 1.12 -6.52
CAD FDL C 4 7.27 1.12 -5.22
CAC FDL C 4 7.51 0.04 -4.39
CAB FDL C 4 7.03 0.03 -3.08
OAK FDL C 4 7.31 -0.93 -2.36
OAA FDL C 4 6.31 1.07 -2.61
CAF FDL C 4 6.06 2.14 -3.40
CAG FDL C 4 5.30 3.16 -2.88
CAE FDL C 4 6.54 2.19 -4.71
CAH FDL C 4 6.25 3.32 -5.48
CAI FDL C 4 5.52 4.37 -4.90
CAJ FDL C 4 5.15 4.36 -3.55
NAM FDL C 4 4.33 5.25 -2.99
C FDL C 4 4.22 6.37 -3.65
O FDL C 4 5.13 6.67 -4.41
CA FDL C 4 3.31 7.53 -3.15
N FDL C 4 3.08 7.83 -1.74
CB FDL C 4 3.89 8.75 -3.81
CAS FDL C 4 3.82 8.30 -5.24
CAT FDL C 4 4.53 9.30 -6.10
CAU FDL C 4 4.53 8.71 -7.48
NAV FDL C 4 5.25 9.63 -8.34
CAW FDL C 4 4.97 9.67 -9.63
OAY FDL C 4 4.15 8.94 -10.16
CAX FDL C 4 5.79 10.69 -10.43
ZN ZN D . -3.62 19.73 16.20
ZN ZN E . -4.95 29.60 -11.57
C1 STL F . 10.39 -1.48 -9.86
C2 STL F . 11.10 -2.62 -10.21
C3 STL F . 12.03 -3.17 -9.33
C4 STL F . 12.23 -2.59 -8.09
C5 STL F . 11.44 -1.49 -7.71
C6 STL F . 10.64 -0.88 -8.64
C7 STL F . 11.67 -0.85 -6.51
C8 STL F . 11.41 0.65 -6.34
C9 STL F . 11.66 1.14 -5.08
C10 STL F . 12.33 2.32 -4.98
C11 STL F . 12.63 2.88 -3.76
C12 STL F . 11.97 2.42 -2.64
C13 STL F . 11.10 1.34 -2.74
C14 STL F . 10.90 0.72 -3.98
O1 STL F . 12.17 3.03 -1.44
O2 STL F . 12.73 -4.29 -9.69
O3 STL F . 9.49 -0.93 -10.71
#